data_9OLN
#
_entry.id   9OLN
#
_cell.length_a   167.279
_cell.length_b   54.972
_cell.length_c   120.184
_cell.angle_alpha   90.00
_cell.angle_beta   129.77
_cell.angle_gamma   90.00
#
_symmetry.space_group_name_H-M   'C 1 2 1'
#
loop_
_entity.id
_entity.type
_entity.pdbx_description
1 polymer "Bis(5'-nucleosyl)-tetraphosphatase [symmetrical]"
2 non-polymer NICOTINAMIDE-ADENINE-DINUCLEOTIDE
3 non-polymer 'MANGANESE (II) ION'
4 non-polymer 'MAGNESIUM ION'
5 non-polymer 'SULFATE ION'
6 non-polymer '4-(2-HYDROXYETHYL)-1-PIPERAZINE ETHANESULFONIC ACID'
7 water water
#
_entity_poly.entity_id   1
_entity_poly.type   'polypeptide(L)'
_entity_poly.pdbx_seq_one_letter_code
;MATYLIGDVHGCYDELIALLHKVEFTPGKDTLWLTGDLVARGPGSLDVLRYVKSLGDSVRLVLGNHDLHLLAVFAGISRN
KPKDRLTPLLEAPDADELLNWLRRQPLLQIDEEKKLVMAHAGITPQWDLQTAKECARDVEAVLSSDSYPFFLDAMYGDMP
NNWSPELRGLGRLRFITNAFTRMRFCFPNGQLDMYSKESPEEAPAPLKPWFAIPGPVAEEYSIAFGHWASLEGKGTPEGI
YALDTGCCWGGTLTCLRWEDKQYFVQPSNRHKDLGEAAASHHHHHH
;
_entity_poly.pdbx_strand_id   A,B
#
loop_
_chem_comp.id
_chem_comp.type
_chem_comp.name
_chem_comp.formula
EPE non-polymer '4-(2-HYDROXYETHYL)-1-PIPERAZINE ETHANESULFONIC ACID' 'C8 H18 N2 O4 S'
MG non-polymer 'MAGNESIUM ION' 'Mg 2'
MN non-polymer 'MANGANESE (II) ION' 'Mn 2'
NAD non-polymer NICOTINAMIDE-ADENINE-DINUCLEOTIDE 'C21 H27 N7 O14 P2'
SO4 non-polymer 'SULFATE ION' 'O4 S -2'
#
# COMPACT_ATOMS: atom_id res chain seq x y z
N ALA A 2 21.43 31.31 -2.94
CA ALA A 2 20.14 31.03 -2.33
C ALA A 2 20.05 29.56 -1.87
N THR A 3 19.12 29.28 -0.98
CA THR A 3 18.92 27.94 -0.42
C THR A 3 17.56 27.42 -0.83
N TYR A 4 17.55 26.25 -1.47
CA TYR A 4 16.35 25.59 -1.96
C TYR A 4 16.18 24.24 -1.30
N LEU A 5 14.96 23.91 -0.92
CA LEU A 5 14.64 22.63 -0.29
C LEU A 5 13.58 21.95 -1.13
N ILE A 6 13.82 20.72 -1.55
CA ILE A 6 12.87 20.00 -2.38
C ILE A 6 12.52 18.67 -1.72
N GLY A 7 11.23 18.30 -1.81
CA GLY A 7 10.74 17.05 -1.24
C GLY A 7 11.08 15.83 -2.09
N ASP A 8 10.40 14.73 -1.80
CA ASP A 8 10.74 13.42 -2.37
C ASP A 8 10.70 13.45 -3.89
N VAL A 9 11.80 13.11 -4.54
CA VAL A 9 11.87 13.16 -6.00
C VAL A 9 11.36 11.86 -6.64
N HIS A 10 11.64 10.71 -6.02
CA HIS A 10 11.13 9.41 -6.48
C HIS A 10 11.35 9.19 -7.97
N GLY A 11 12.59 9.40 -8.43
CA GLY A 11 12.88 9.14 -9.83
C GLY A 11 12.23 10.08 -10.81
N CYS A 12 11.63 11.17 -10.35
CA CYS A 12 10.99 12.12 -11.27
C CYS A 12 12.01 13.15 -11.71
N TYR A 13 12.93 12.69 -12.57
CA TYR A 13 14.07 13.52 -12.97
C TYR A 13 13.63 14.72 -13.81
N ASP A 14 12.71 14.52 -14.76
CA ASP A 14 12.28 15.64 -15.62
C ASP A 14 11.66 16.76 -14.79
N GLU A 15 10.83 16.40 -13.80
CA GLU A 15 10.20 17.41 -12.94
C GLU A 15 11.23 18.11 -12.09
N LEU A 16 12.19 17.36 -11.56
CA LEU A 16 13.25 17.97 -10.76
C LEU A 16 14.01 19.01 -11.56
N ILE A 17 14.43 18.64 -12.78
CA ILE A 17 15.21 19.57 -13.59
C ILE A 17 14.36 20.79 -13.96
N ALA A 18 13.10 20.58 -14.33
CA ALA A 18 12.25 21.71 -14.68
C ALA A 18 12.06 22.66 -13.49
N LEU A 19 11.91 22.10 -12.29
CA LEU A 19 11.76 22.93 -11.10
C LEU A 19 13.04 23.71 -10.82
N LEU A 20 14.20 23.08 -10.98
CA LEU A 20 15.47 23.77 -10.74
C LEU A 20 15.71 24.87 -11.77
N HIS A 21 15.27 24.65 -13.02
CA HIS A 21 15.40 25.70 -14.04
C HIS A 21 14.47 26.86 -13.73
N LYS A 22 13.29 26.56 -13.19
CA LYS A 22 12.34 27.60 -12.80
C LYS A 22 12.95 28.56 -11.77
N VAL A 23 13.68 28.05 -10.77
CA VAL A 23 14.34 28.93 -9.78
C VAL A 23 15.74 29.34 -10.21
N GLU A 24 16.19 28.93 -11.40
CA GLU A 24 17.54 29.21 -11.90
C GLU A 24 18.60 28.77 -10.89
N PHE A 25 18.45 27.54 -10.40
CA PHE A 25 19.41 26.97 -9.46
C PHE A 25 20.81 26.98 -10.06
N THR A 26 21.76 27.57 -9.34
CA THR A 26 23.13 27.71 -9.85
C THR A 26 24.13 27.15 -8.85
N PRO A 27 24.64 25.94 -9.09
CA PRO A 27 25.66 25.37 -8.19
C PRO A 27 26.80 26.36 -8.03
N GLY A 28 27.26 26.52 -6.78
CA GLY A 28 28.31 27.47 -6.49
C GLY A 28 27.80 28.79 -5.95
N LYS A 29 26.60 29.21 -6.34
CA LYS A 29 25.90 30.33 -5.72
C LYS A 29 24.75 29.86 -4.82
N ASP A 30 24.16 28.71 -5.14
CA ASP A 30 22.99 28.19 -4.44
C ASP A 30 23.30 26.83 -3.84
N THR A 31 22.52 26.45 -2.84
CA THR A 31 22.61 25.13 -2.25
C THR A 31 21.23 24.47 -2.27
N LEU A 32 21.21 23.18 -2.57
CA LEU A 32 19.95 22.44 -2.65
C LEU A 32 19.89 21.43 -1.51
N TRP A 33 18.80 21.44 -0.76
CA TRP A 33 18.54 20.42 0.26
C TRP A 33 17.50 19.47 -0.30
N LEU A 34 17.73 18.17 -0.14
CA LEU A 34 16.81 17.15 -0.64
C LEU A 34 16.39 16.23 0.51
N THR A 35 15.08 16.04 0.68
CA THR A 35 14.52 15.26 1.79
C THR A 35 14.69 13.75 1.63
N GLY A 36 15.36 13.26 0.60
CA GLY A 36 15.50 11.81 0.45
C GLY A 36 14.36 11.21 -0.36
N ASP A 37 14.37 9.87 -0.40
CA ASP A 37 13.58 9.12 -1.38
C ASP A 37 13.83 9.69 -2.79
N LEU A 38 15.10 9.67 -3.19
CA LEU A 38 15.44 10.12 -4.53
C LEU A 38 14.98 9.14 -5.60
N VAL A 39 14.75 7.88 -5.23
CA VAL A 39 14.63 6.80 -6.20
C VAL A 39 13.29 6.13 -6.01
N ALA A 40 12.93 5.28 -6.99
CA ALA A 40 11.80 4.36 -7.03
C ALA A 40 10.51 5.02 -7.46
N ARG A 41 9.69 4.25 -8.20
CA ARG A 41 8.35 4.58 -8.69
C ARG A 41 8.43 5.39 -9.98
N GLY A 42 9.09 6.55 -9.94
CA GLY A 42 9.28 7.35 -11.12
C GLY A 42 10.26 6.66 -12.03
N PRO A 43 10.33 7.08 -13.30
CA PRO A 43 11.13 6.31 -14.28
C PRO A 43 12.62 6.62 -14.25
N GLY A 44 13.04 7.70 -13.59
CA GLY A 44 14.40 8.16 -13.80
C GLY A 44 15.33 8.13 -12.60
N SER A 45 15.25 7.06 -11.79
CA SER A 45 16.08 6.98 -10.59
C SER A 45 17.57 7.07 -10.92
N LEU A 46 17.98 6.47 -12.06
CA LEU A 46 19.39 6.48 -12.45
C LEU A 46 19.87 7.90 -12.74
N ASP A 47 19.09 8.65 -13.51
CA ASP A 47 19.45 10.03 -13.83
C ASP A 47 19.46 10.89 -12.56
N VAL A 48 18.49 10.67 -11.67
CA VAL A 48 18.46 11.46 -10.43
C VAL A 48 19.73 11.23 -9.64
N LEU A 49 20.11 9.96 -9.44
CA LEU A 49 21.32 9.71 -8.65
C LEU A 49 22.57 10.29 -9.30
N ARG A 50 22.70 10.13 -10.61
CA ARG A 50 23.84 10.71 -11.32
C ARG A 50 23.92 12.23 -11.11
N TYR A 51 22.79 12.91 -11.30
CA TYR A 51 22.77 14.37 -11.14
C TYR A 51 23.08 14.79 -9.70
N VAL A 52 22.37 14.21 -8.73
CA VAL A 52 22.56 14.64 -7.33
C VAL A 52 24.00 14.39 -6.90
N LYS A 53 24.55 13.21 -7.23
CA LYS A 53 25.95 12.95 -6.91
C LYS A 53 26.87 13.99 -7.56
N SER A 54 26.61 14.37 -8.82
CA SER A 54 27.46 15.37 -9.47
C SER A 54 27.42 16.73 -8.76
N LEU A 55 26.38 17.00 -7.96
CA LEU A 55 26.32 18.31 -7.30
C LEU A 55 27.37 18.51 -6.20
N GLY A 56 27.92 17.46 -5.61
CA GLY A 56 28.92 17.66 -4.58
C GLY A 56 28.42 18.52 -3.42
N ASP A 57 29.22 19.52 -3.04
CA ASP A 57 28.93 20.41 -1.91
C ASP A 57 27.73 21.32 -2.12
N SER A 58 27.20 21.43 -3.32
CA SER A 58 26.01 22.23 -3.57
C SER A 58 24.71 21.47 -3.27
N VAL A 59 24.79 20.25 -2.76
CA VAL A 59 23.60 19.53 -2.31
C VAL A 59 23.84 18.98 -0.91
N ARG A 60 22.80 19.03 -0.08
CA ARG A 60 22.73 18.45 1.26
C ARG A 60 21.56 17.47 1.25
N LEU A 61 21.88 16.19 1.22
CA LEU A 61 20.89 15.13 1.11
C LEU A 61 20.68 14.49 2.48
N VAL A 62 19.48 13.95 2.73
CA VAL A 62 19.26 12.95 3.78
C VAL A 62 18.68 11.71 3.09
N LEU A 63 19.02 10.53 3.62
CA LEU A 63 18.52 9.26 3.07
C LEU A 63 17.09 8.98 3.53
N GLY A 64 16.26 8.48 2.61
CA GLY A 64 14.91 8.06 2.94
C GLY A 64 14.74 6.54 2.97
N ASN A 65 13.51 6.09 3.25
CA ASN A 65 13.28 4.66 3.33
C ASN A 65 13.44 3.97 1.98
N HIS A 66 13.13 4.66 0.87
CA HIS A 66 13.31 4.03 -0.44
C HIS A 66 14.75 4.04 -0.91
N ASP A 67 15.54 5.01 -0.46
CA ASP A 67 16.98 4.96 -0.70
C ASP A 67 17.60 3.75 0.02
N LEU A 68 17.22 3.54 1.28
CA LEU A 68 17.72 2.38 2.03
C LEU A 68 17.21 1.06 1.44
N HIS A 69 15.95 1.03 0.97
CA HIS A 69 15.48 -0.19 0.32
C HIS A 69 16.27 -0.49 -0.95
N LEU A 70 16.58 0.53 -1.76
CA LEU A 70 17.43 0.32 -2.92
C LEU A 70 18.77 -0.27 -2.52
N LEU A 71 19.38 0.26 -1.45
CA LEU A 71 20.67 -0.30 -1.01
C LEU A 71 20.50 -1.76 -0.62
N ALA A 72 19.37 -2.09 0.00
CA ALA A 72 19.14 -3.48 0.40
C ALA A 72 18.99 -4.39 -0.83
N VAL A 73 18.32 -3.92 -1.87
CA VAL A 73 18.18 -4.70 -3.10
C VAL A 73 19.56 -4.90 -3.73
N PHE A 74 20.33 -3.83 -3.82
CA PHE A 74 21.65 -3.88 -4.43
C PHE A 74 22.56 -4.88 -3.71
N ALA A 75 22.47 -4.95 -2.39
CA ALA A 75 23.32 -5.84 -1.61
C ALA A 75 22.78 -7.27 -1.56
N GLY A 76 21.68 -7.58 -2.25
CA GLY A 76 21.12 -8.91 -2.23
C GLY A 76 20.33 -9.25 -1.00
N ILE A 77 20.02 -8.26 -0.16
CA ILE A 77 19.30 -8.46 1.08
C ILE A 77 17.79 -8.56 0.84
N SER A 78 17.26 -7.77 -0.10
CA SER A 78 15.82 -7.65 -0.30
C SER A 78 15.50 -7.90 -1.76
N ARG A 79 14.25 -8.24 -2.03
CA ARG A 79 13.79 -8.54 -3.38
C ARG A 79 13.41 -7.27 -4.11
N ASN A 80 13.75 -7.19 -5.39
CA ASN A 80 13.38 -6.09 -6.27
C ASN A 80 11.89 -6.13 -6.60
N LYS A 81 11.17 -5.04 -6.32
CA LYS A 81 9.75 -4.96 -6.64
C LYS A 81 9.61 -4.32 -8.02
N PRO A 82 8.93 -4.96 -8.99
CA PRO A 82 8.86 -4.36 -10.33
C PRO A 82 8.34 -2.93 -10.32
N LYS A 83 7.37 -2.60 -9.45
CA LYS A 83 6.80 -1.25 -9.48
CA LYS A 83 6.80 -1.25 -9.48
C LYS A 83 7.80 -0.16 -9.10
N ASP A 84 8.90 -0.50 -8.41
CA ASP A 84 9.87 0.52 -8.03
C ASP A 84 10.68 1.01 -9.22
N ARG A 85 10.73 0.22 -10.30
CA ARG A 85 11.42 0.61 -11.54
C ARG A 85 12.91 0.90 -11.30
N LEU A 86 13.55 0.06 -10.49
CA LEU A 86 14.95 0.28 -10.15
C LEU A 86 15.92 -0.44 -11.08
N THR A 87 15.45 -1.26 -12.02
CA THR A 87 16.36 -2.10 -12.78
C THR A 87 17.37 -1.33 -13.62
N PRO A 88 17.02 -0.24 -14.33
CA PRO A 88 18.08 0.49 -15.07
C PRO A 88 19.18 0.98 -14.16
N LEU A 89 18.84 1.47 -12.97
CA LEU A 89 19.86 1.90 -12.03
C LEU A 89 20.71 0.72 -11.56
N LEU A 90 20.07 -0.39 -11.17
CA LEU A 90 20.81 -1.55 -10.67
C LEU A 90 21.71 -2.16 -11.74
N GLU A 91 21.32 -2.07 -13.00
CA GLU A 91 22.10 -2.65 -14.10
C GLU A 91 23.09 -1.67 -14.72
N ALA A 92 23.14 -0.43 -14.23
CA ALA A 92 24.00 0.56 -14.85
C ALA A 92 25.47 0.21 -14.63
N PRO A 93 26.34 0.56 -15.57
CA PRO A 93 27.77 0.29 -15.36
C PRO A 93 28.35 1.09 -14.21
N ASP A 94 27.78 2.23 -13.87
CA ASP A 94 28.27 2.97 -12.71
C ASP A 94 27.43 2.69 -11.44
N ALA A 95 26.68 1.59 -11.40
CA ALA A 95 25.84 1.33 -10.23
C ALA A 95 26.65 1.30 -8.94
N ASP A 96 27.81 0.64 -8.96
CA ASP A 96 28.60 0.53 -7.74
C ASP A 96 29.03 1.90 -7.26
N GLU A 97 29.50 2.76 -8.18
CA GLU A 97 29.93 4.10 -7.82
C GLU A 97 28.78 4.92 -7.24
N LEU A 98 27.61 4.85 -7.88
CA LEU A 98 26.46 5.61 -7.41
C LEU A 98 25.98 5.12 -6.05
N LEU A 99 25.88 3.80 -5.85
CA LEU A 99 25.29 3.31 -4.60
C LEU A 99 26.28 3.33 -3.45
N ASN A 100 27.59 3.18 -3.72
CA ASN A 100 28.55 3.41 -2.66
C ASN A 100 28.59 4.87 -2.26
N TRP A 101 28.33 5.79 -3.19
CA TRP A 101 28.18 7.18 -2.77
C TRP A 101 26.90 7.35 -1.94
N LEU A 102 25.80 6.73 -2.37
CA LEU A 102 24.53 6.95 -1.68
C LEU A 102 24.59 6.49 -0.22
N ARG A 103 25.20 5.34 0.02
CA ARG A 103 25.22 4.84 1.40
C ARG A 103 26.09 5.66 2.33
N ARG A 104 26.92 6.56 1.82
CA ARG A 104 27.71 7.43 2.67
CA ARG A 104 27.73 7.46 2.62
C ARG A 104 27.01 8.76 2.98
N GLN A 105 25.75 8.93 2.56
CA GLN A 105 25.13 10.22 2.77
C GLN A 105 24.44 10.27 4.14
N PRO A 106 24.22 11.45 4.70
CA PRO A 106 23.71 11.54 6.07
C PRO A 106 22.24 11.13 6.21
N LEU A 107 21.86 10.85 7.44
CA LEU A 107 20.45 10.70 7.75
C LEU A 107 19.85 11.99 8.28
N LEU A 108 20.69 12.97 8.63
CA LEU A 108 20.29 14.20 9.32
C LEU A 108 21.18 15.34 8.84
N GLN A 109 20.57 16.47 8.48
CA GLN A 109 21.32 17.68 8.13
C GLN A 109 20.96 18.80 9.09
N ILE A 110 21.97 19.52 9.60
CA ILE A 110 21.74 20.63 10.53
C ILE A 110 22.50 21.86 10.05
N ASP A 111 21.82 23.01 10.02
CA ASP A 111 22.46 24.28 9.72
C ASP A 111 22.14 25.23 10.86
N GLU A 112 23.15 25.55 11.65
CA GLU A 112 22.93 26.32 12.88
C GLU A 112 22.63 27.78 12.58
N GLU A 113 23.23 28.34 11.52
CA GLU A 113 22.99 29.75 11.19
C GLU A 113 21.58 29.95 10.65
N LYS A 114 21.00 28.95 10.00
CA LYS A 114 19.61 29.02 9.57
C LYS A 114 18.66 28.48 10.61
N LYS A 115 19.17 27.88 11.69
CA LYS A 115 18.37 27.17 12.68
C LYS A 115 17.44 26.18 11.98
N LEU A 116 18.03 25.32 11.16
CA LEU A 116 17.27 24.45 10.27
C LEU A 116 17.79 23.02 10.39
N VAL A 117 16.86 22.09 10.56
CA VAL A 117 17.14 20.67 10.67
C VAL A 117 16.37 19.96 9.58
N MET A 118 16.99 18.95 8.95
CA MET A 118 16.29 18.14 7.98
C MET A 118 16.55 16.66 8.24
N ALA A 119 15.49 15.86 8.12
CA ALA A 119 15.56 14.41 8.08
C ALA A 119 14.41 13.95 7.22
N HIS A 120 14.44 12.69 6.76
CA HIS A 120 13.43 12.26 5.80
C HIS A 120 12.04 12.33 6.39
N ALA A 121 11.84 11.75 7.57
CA ALA A 121 10.51 11.68 8.19
C ALA A 121 10.29 12.76 9.26
N GLY A 122 11.33 13.41 9.73
CA GLY A 122 11.22 14.42 10.77
C GLY A 122 12.06 14.03 11.96
N ILE A 123 11.80 14.66 13.11
CA ILE A 123 12.54 14.40 14.35
C ILE A 123 11.54 13.95 15.39
N THR A 124 11.68 12.70 15.88
CA THR A 124 10.75 12.24 16.89
C THR A 124 10.76 13.17 18.10
N PRO A 125 9.60 13.49 18.66
CA PRO A 125 9.57 14.32 19.88
C PRO A 125 10.32 13.72 21.05
N GLN A 126 10.66 12.42 21.02
CA GLN A 126 11.40 11.80 22.10
C GLN A 126 12.89 12.08 22.06
N TRP A 127 13.38 12.81 21.05
CA TRP A 127 14.80 13.10 20.91
C TRP A 127 15.08 14.59 21.13
N ASP A 128 16.15 14.89 21.85
CA ASP A 128 16.73 16.22 21.77
C ASP A 128 17.77 16.23 20.65
N LEU A 129 18.37 17.40 20.40
CA LEU A 129 19.27 17.52 19.25
C LEU A 129 20.49 16.63 19.43
N GLN A 130 21.06 16.59 20.63
CA GLN A 130 22.27 15.83 20.84
C GLN A 130 22.03 14.35 20.59
N THR A 131 20.87 13.84 21.01
CA THR A 131 20.53 12.44 20.78
C THR A 131 20.30 12.17 19.29
N ALA A 132 19.57 13.06 18.61
CA ALA A 132 19.38 12.91 17.17
C ALA A 132 20.73 12.85 16.44
N LYS A 133 21.66 13.73 16.82
CA LYS A 133 22.98 13.72 16.19
C LYS A 133 23.70 12.40 16.42
N GLU A 134 23.68 11.92 17.66
CA GLU A 134 24.38 10.68 17.97
C GLU A 134 23.76 9.50 17.23
N CYS A 135 22.43 9.45 17.18
CA CYS A 135 21.78 8.34 16.51
C CYS A 135 22.07 8.36 15.01
N ALA A 136 21.99 9.53 14.40
CA ALA A 136 22.35 9.63 13.00
C ALA A 136 23.77 9.16 12.78
N ARG A 137 24.70 9.56 13.66
CA ARG A 137 26.09 9.15 13.45
C ARG A 137 26.25 7.65 13.53
N ASP A 138 25.58 7.01 14.50
CA ASP A 138 25.70 5.57 14.64
C ASP A 138 25.21 4.84 13.39
N VAL A 139 24.04 5.24 12.87
CA VAL A 139 23.53 4.52 11.68
C VAL A 139 24.36 4.85 10.45
N GLU A 140 24.77 6.11 10.27
CA GLU A 140 25.64 6.47 9.14
C GLU A 140 26.94 5.67 9.19
N ALA A 141 27.45 5.42 10.39
CA ALA A 141 28.67 4.64 10.50
C ALA A 141 28.45 3.22 10.00
N VAL A 142 27.30 2.60 10.34
CA VAL A 142 27.12 1.24 9.83
C VAL A 142 26.90 1.27 8.32
N LEU A 143 26.16 2.26 7.82
CA LEU A 143 25.88 2.34 6.39
C LEU A 143 27.14 2.57 5.58
N SER A 144 28.10 3.33 6.11
CA SER A 144 29.33 3.66 5.39
CA SER A 144 29.29 3.62 5.32
C SER A 144 30.38 2.56 5.49
N SER A 145 30.14 1.51 6.26
CA SER A 145 31.17 0.53 6.54
C SER A 145 31.11 -0.62 5.54
N ASP A 146 32.19 -1.40 5.49
CA ASP A 146 32.24 -2.56 4.59
C ASP A 146 31.19 -3.60 4.93
N SER A 147 30.65 -3.57 6.15
CA SER A 147 29.69 -4.55 6.61
C SER A 147 28.25 -4.05 6.51
N TYR A 148 27.99 -3.06 5.68
CA TYR A 148 26.64 -2.48 5.62
C TYR A 148 25.53 -3.46 5.23
N PRO A 149 25.76 -4.53 4.45
CA PRO A 149 24.64 -5.45 4.18
C PRO A 149 24.07 -6.11 5.42
N PHE A 150 24.91 -6.39 6.43
CA PHE A 150 24.40 -6.93 7.69
C PHE A 150 23.45 -5.95 8.35
N PHE A 151 23.85 -4.67 8.43
CA PHE A 151 22.92 -3.68 8.98
C PHE A 151 21.62 -3.65 8.20
N LEU A 152 21.74 -3.52 6.87
CA LEU A 152 20.53 -3.41 6.06
C LEU A 152 19.60 -4.57 6.34
N ASP A 153 20.15 -5.76 6.54
CA ASP A 153 19.28 -6.89 6.85
C ASP A 153 18.63 -6.72 8.21
N ALA A 154 19.38 -6.24 9.20
CA ALA A 154 18.82 -6.07 10.54
C ALA A 154 17.78 -4.96 10.63
N MET A 155 17.86 -3.99 9.72
CA MET A 155 17.05 -2.77 9.79
C MET A 155 15.56 -3.03 9.70
N TYR A 156 15.13 -4.11 9.04
CA TYR A 156 13.70 -4.34 8.90
C TYR A 156 13.09 -4.72 10.24
N GLY A 157 11.93 -4.17 10.54
CA GLY A 157 11.24 -4.44 11.78
C GLY A 157 10.47 -3.23 12.26
N ASP A 158 9.42 -3.49 13.04
CA ASP A 158 8.55 -2.43 13.55
C ASP A 158 8.69 -2.18 15.05
N MET A 159 9.53 -2.92 15.76
CA MET A 159 9.78 -2.78 17.19
C MET A 159 11.29 -2.65 17.45
N PRO A 160 11.69 -2.00 18.55
CA PRO A 160 10.90 -1.30 19.57
C PRO A 160 10.42 0.02 18.99
N ASN A 161 9.34 0.61 19.53
CA ASN A 161 8.77 1.83 18.98
C ASN A 161 8.80 2.95 20.01
N ASN A 162 9.59 2.80 21.07
CA ASN A 162 9.70 3.78 22.13
C ASN A 162 11.18 3.99 22.40
N TRP A 163 11.64 5.25 22.38
CA TRP A 163 13.05 5.50 22.59
C TRP A 163 13.42 5.38 24.06
N SER A 164 14.62 4.86 24.32
CA SER A 164 15.26 4.89 25.62
C SER A 164 16.75 4.95 25.36
N PRO A 165 17.50 5.78 26.10
CA PRO A 165 18.96 5.70 26.03
C PRO A 165 19.52 4.33 26.39
N GLU A 166 18.72 3.46 27.03
CA GLU A 166 19.18 2.13 27.39
C GLU A 166 19.06 1.14 26.26
N LEU A 167 18.41 1.50 25.15
CA LEU A 167 18.32 0.59 24.02
C LEU A 167 19.72 0.20 23.56
N ARG A 168 19.89 -1.08 23.23
CA ARG A 168 21.18 -1.56 22.74
C ARG A 168 20.94 -2.40 21.51
N GLY A 169 21.99 -2.50 20.69
CA GLY A 169 22.00 -3.51 19.64
C GLY A 169 20.97 -3.30 18.55
N LEU A 170 20.42 -4.43 18.09
CA LEU A 170 19.53 -4.43 16.93
C LEU A 170 18.33 -3.50 17.15
N GLY A 171 17.74 -3.56 18.35
CA GLY A 171 16.58 -2.74 18.63
C GLY A 171 16.89 -1.26 18.55
N ARG A 172 18.04 -0.87 19.07
CA ARG A 172 18.46 0.52 18.96
C ARG A 172 18.56 0.94 17.51
N LEU A 173 19.20 0.10 16.67
CA LEU A 173 19.37 0.50 15.28
C LEU A 173 18.05 0.57 14.54
N ARG A 174 17.16 -0.41 14.79
CA ARG A 174 15.86 -0.41 14.14
C ARG A 174 15.05 0.80 14.54
N PHE A 175 15.03 1.15 15.83
CA PHE A 175 14.29 2.35 16.23
C PHE A 175 14.85 3.57 15.52
N ILE A 176 16.18 3.72 15.52
CA ILE A 176 16.76 4.92 14.90
C ILE A 176 16.33 5.03 13.44
N THR A 177 16.42 3.91 12.71
CA THR A 177 16.07 3.89 11.29
C THR A 177 14.61 4.22 11.08
N ASN A 178 13.73 3.64 11.91
CA ASN A 178 12.30 3.92 11.76
C ASN A 178 11.99 5.38 12.06
N ALA A 179 12.61 5.93 13.10
CA ALA A 179 12.34 7.31 13.49
C ALA A 179 12.77 8.28 12.39
N PHE A 180 13.95 8.06 11.80
CA PHE A 180 14.42 8.98 10.77
C PHE A 180 13.72 8.77 9.44
N THR A 181 13.30 7.53 9.09
CA THR A 181 12.87 7.30 7.71
C THR A 181 11.46 6.77 7.54
N ARG A 182 10.75 6.38 8.59
CA ARG A 182 9.41 5.83 8.44
C ARG A 182 8.35 6.56 9.27
N MET A 183 8.74 7.38 10.23
CA MET A 183 7.83 7.99 11.19
C MET A 183 6.75 8.84 10.50
N ARG A 184 5.52 8.70 10.98
CA ARG A 184 4.44 9.63 10.68
C ARG A 184 3.69 9.95 11.97
N PHE A 185 2.90 9.01 12.48
CA PHE A 185 2.07 9.20 13.66
C PHE A 185 2.77 8.73 14.92
N CYS A 186 2.43 9.38 16.04
CA CYS A 186 2.87 9.01 17.37
C CYS A 186 1.67 8.79 18.29
N PHE A 187 1.88 7.95 19.30
CA PHE A 187 0.98 7.92 20.45
C PHE A 187 1.25 9.14 21.33
N PRO A 188 0.30 9.51 22.21
CA PRO A 188 0.48 10.75 23.00
C PRO A 188 1.78 10.80 23.76
N ASN A 189 2.30 9.66 24.20
CA ASN A 189 3.59 9.64 24.88
C ASN A 189 4.78 9.76 23.93
N GLY A 190 4.53 9.83 22.62
CA GLY A 190 5.59 9.99 21.64
C GLY A 190 6.03 8.69 20.98
N GLN A 191 5.46 7.56 21.36
CA GLN A 191 5.82 6.28 20.77
C GLN A 191 5.39 6.18 19.32
N LEU A 192 6.24 5.57 18.50
CA LEU A 192 5.97 5.48 17.08
C LEU A 192 4.86 4.50 16.76
N ASP A 193 3.96 4.89 15.85
CA ASP A 193 3.07 3.96 15.16
C ASP A 193 3.59 3.69 13.76
N MET A 194 3.74 2.40 13.42
CA MET A 194 4.38 2.01 12.17
CA MET A 194 4.38 1.99 12.18
C MET A 194 3.40 1.51 11.12
N TYR A 195 2.09 1.70 11.34
CA TYR A 195 1.10 1.18 10.40
C TYR A 195 0.30 2.23 9.66
N SER A 196 -0.14 3.28 10.33
CA SER A 196 -1.02 4.25 9.71
C SER A 196 -0.23 5.19 8.80
N LYS A 197 -0.66 5.27 7.54
CA LYS A 197 -0.04 6.12 6.53
C LYS A 197 -1.03 7.17 6.01
N GLU A 198 -2.15 7.36 6.70
CA GLU A 198 -3.24 8.23 6.28
C GLU A 198 -2.90 9.69 6.58
N SER A 199 -3.76 10.58 6.09
CA SER A 199 -3.67 11.98 6.47
C SER A 199 -4.08 12.13 7.94
N PRO A 200 -3.64 13.19 8.61
CA PRO A 200 -3.99 13.34 10.03
C PRO A 200 -5.49 13.32 10.31
N GLU A 201 -6.30 13.91 9.42
CA GLU A 201 -7.75 13.92 9.63
C GLU A 201 -8.34 12.51 9.59
N GLU A 202 -7.73 11.60 8.84
CA GLU A 202 -8.25 10.25 8.64
C GLU A 202 -7.68 9.25 9.64
N ALA A 203 -6.79 9.68 10.51
CA ALA A 203 -6.15 8.75 11.41
C ALA A 203 -7.10 8.35 12.54
N PRO A 204 -6.92 7.15 13.10
CA PRO A 204 -7.68 6.77 14.29
C PRO A 204 -7.08 7.37 15.54
N ALA A 205 -7.95 7.74 16.48
CA ALA A 205 -7.48 8.20 17.78
C ALA A 205 -6.81 7.06 18.53
N PRO A 206 -5.87 7.36 19.43
CA PRO A 206 -5.35 8.67 19.82
C PRO A 206 -4.11 9.08 19.00
N LEU A 207 -3.97 8.63 17.76
CA LEU A 207 -2.78 8.96 16.98
C LEU A 207 -2.78 10.45 16.61
N LYS A 208 -1.61 11.07 16.75
CA LYS A 208 -1.35 12.43 16.32
C LYS A 208 -0.07 12.49 15.49
N PRO A 209 0.04 13.45 14.55
CA PRO A 209 1.30 13.60 13.81
C PRO A 209 2.44 13.85 14.78
N TRP A 210 3.62 13.33 14.44
CA TRP A 210 4.80 13.53 15.29
C TRP A 210 5.05 15.00 15.58
N PHE A 211 4.72 15.88 14.63
CA PHE A 211 4.97 17.31 14.82
C PHE A 211 3.91 18.00 15.67
N ALA A 212 2.81 17.33 16.00
CA ALA A 212 1.81 17.89 16.91
C ALA A 212 2.17 17.64 18.37
N ILE A 213 3.27 16.97 18.63
CA ILE A 213 3.73 16.66 19.98
C ILE A 213 4.95 17.53 20.24
N PRO A 214 4.91 18.44 21.19
CA PRO A 214 6.05 19.36 21.40
C PRO A 214 7.30 18.58 21.78
N GLY A 215 8.38 18.82 21.04
CA GLY A 215 9.64 18.18 21.29
C GLY A 215 10.74 19.22 21.34
N PRO A 216 11.86 18.88 22.00
CA PRO A 216 12.88 19.90 22.23
C PRO A 216 13.53 20.42 20.97
N VAL A 217 13.64 19.60 19.92
CA VAL A 217 14.24 20.07 18.68
C VAL A 217 13.33 21.08 18.01
N ALA A 218 12.05 20.72 17.87
CA ALA A 218 11.10 21.61 17.22
C ALA A 218 10.91 22.92 17.97
N GLU A 219 11.24 22.97 19.26
CA GLU A 219 11.05 24.23 19.97
C GLU A 219 12.16 25.22 19.66
N GLU A 220 13.32 24.74 19.20
CA GLU A 220 14.45 25.61 18.91
C GLU A 220 14.82 25.69 17.43
N TYR A 221 14.36 24.75 16.60
CA TYR A 221 14.77 24.68 15.20
C TYR A 221 13.55 24.55 14.31
N SER A 222 13.65 25.09 13.10
CA SER A 222 12.74 24.69 12.04
C SER A 222 13.09 23.27 11.60
N ILE A 223 12.08 22.52 11.19
CA ILE A 223 12.30 21.15 10.70
C ILE A 223 11.68 21.04 9.33
N ALA A 224 12.49 20.65 8.34
CA ALA A 224 12.00 20.31 7.01
C ALA A 224 12.04 18.79 6.82
N PHE A 225 11.05 18.24 6.17
CA PHE A 225 11.01 16.79 5.98
C PHE A 225 10.20 16.48 4.75
N GLY A 226 10.27 15.23 4.29
CA GLY A 226 9.52 14.78 3.14
C GLY A 226 8.61 13.63 3.55
N HIS A 227 8.70 12.49 2.85
CA HIS A 227 8.17 11.20 3.29
C HIS A 227 6.64 11.07 3.31
N TRP A 228 5.95 11.96 4.03
CA TRP A 228 4.53 11.75 4.37
C TRP A 228 3.66 12.37 3.27
N ALA A 229 3.48 11.62 2.17
CA ALA A 229 2.81 12.16 1.00
C ALA A 229 1.32 12.43 1.26
N SER A 230 0.66 11.58 2.05
CA SER A 230 -0.76 11.78 2.32
C SER A 230 -1.04 13.06 3.08
N LEU A 231 -0.01 13.68 3.67
CA LEU A 231 -0.13 15.00 4.27
C LEU A 231 -0.33 16.10 3.23
N GLU A 232 0.12 15.86 2.00
CA GLU A 232 0.03 16.84 0.91
C GLU A 232 0.69 18.17 1.26
N GLY A 233 1.70 18.15 2.14
CA GLY A 233 2.41 19.36 2.50
C GLY A 233 1.63 20.38 3.30
N LYS A 234 0.47 20.01 3.86
CA LYS A 234 -0.44 20.92 4.53
C LYS A 234 -0.62 20.54 5.99
N GLY A 235 -1.14 21.47 6.78
CA GLY A 235 -1.54 21.16 8.14
C GLY A 235 -0.42 21.13 9.16
N THR A 236 0.70 21.80 8.91
CA THR A 236 1.78 21.74 9.87
C THR A 236 1.85 23.01 10.69
N PRO A 237 2.37 22.96 11.91
CA PRO A 237 2.56 24.19 12.71
C PRO A 237 3.66 25.05 12.13
N GLU A 238 3.78 26.27 12.67
CA GLU A 238 4.88 27.13 12.28
C GLU A 238 6.21 26.45 12.58
N GLY A 239 7.18 26.64 11.70
CA GLY A 239 8.48 26.03 11.89
C GLY A 239 8.60 24.60 11.42
N ILE A 240 7.51 24.02 10.91
CA ILE A 240 7.48 22.65 10.40
C ILE A 240 7.15 22.73 8.92
N TYR A 241 8.03 22.20 8.06
CA TYR A 241 7.90 22.28 6.60
C TYR A 241 7.79 20.88 6.00
N ALA A 242 6.59 20.51 5.55
CA ALA A 242 6.34 19.21 4.95
C ALA A 242 6.43 19.37 3.44
N LEU A 243 7.55 18.92 2.87
CA LEU A 243 7.86 19.22 1.47
C LEU A 243 7.42 18.14 0.49
N ASP A 244 6.91 17.00 0.96
CA ASP A 244 6.56 15.92 0.04
C ASP A 244 5.12 16.11 -0.44
N THR A 245 4.96 16.59 -1.67
CA THR A 245 3.64 16.79 -2.25
C THR A 245 3.32 15.73 -3.31
N GLY A 246 4.02 14.61 -3.28
CA GLY A 246 3.57 13.44 -4.02
C GLY A 246 3.81 13.45 -5.52
N CYS A 247 4.98 13.91 -5.97
CA CYS A 247 5.23 14.02 -7.40
C CYS A 247 5.04 12.68 -8.10
N CYS A 248 5.69 11.63 -7.59
CA CYS A 248 5.56 10.31 -8.21
C CYS A 248 4.11 9.83 -8.26
N TRP A 249 3.24 10.35 -7.40
CA TRP A 249 1.84 9.94 -7.36
C TRP A 249 0.91 10.76 -8.25
N GLY A 250 1.45 11.55 -9.17
CA GLY A 250 0.61 12.48 -9.90
C GLY A 250 0.29 13.75 -9.16
N GLY A 251 0.94 13.99 -8.01
CA GLY A 251 0.81 15.27 -7.34
C GLY A 251 1.74 16.30 -7.92
N THR A 252 2.58 16.91 -7.08
CA THR A 252 3.51 17.93 -7.54
C THR A 252 4.85 17.76 -6.84
N LEU A 253 5.87 18.32 -7.47
CA LEU A 253 7.17 18.49 -6.82
C LEU A 253 7.26 19.91 -6.27
N THR A 254 7.62 20.04 -4.99
CA THR A 254 7.64 21.33 -4.31
C THR A 254 9.06 21.72 -3.94
N CYS A 255 9.37 22.99 -4.17
CA CYS A 255 10.64 23.59 -3.81
C CYS A 255 10.35 24.79 -2.93
N LEU A 256 11.04 24.90 -1.80
CA LEU A 256 10.93 26.03 -0.91
C LEU A 256 12.24 26.80 -0.93
N ARG A 257 12.19 28.11 -1.23
CA ARG A 257 13.36 28.96 -1.04
C ARG A 257 13.39 29.47 0.40
N TRP A 258 14.51 29.24 1.08
CA TRP A 258 14.58 29.47 2.51
C TRP A 258 14.66 30.97 2.84
N GLU A 259 15.34 31.77 2.01
CA GLU A 259 15.58 33.17 2.40
C GLU A 259 14.27 33.95 2.52
N ASP A 260 13.32 33.69 1.63
CA ASP A 260 12.04 34.38 1.68
C ASP A 260 10.87 33.43 1.89
N LYS A 261 11.12 32.16 2.17
CA LYS A 261 10.06 31.15 2.35
C LYS A 261 9.12 31.14 1.16
N GLN A 262 9.67 31.28 -0.03
CA GLN A 262 8.82 31.30 -1.21
C GLN A 262 8.71 29.90 -1.80
N TYR A 263 7.50 29.48 -2.14
CA TYR A 263 7.28 28.16 -2.72
C TYR A 263 7.22 28.21 -4.24
N PHE A 264 7.80 27.19 -4.90
CA PHE A 264 7.74 26.98 -6.33
C PHE A 264 7.29 25.53 -6.57
N VAL A 265 6.40 25.33 -7.51
CA VAL A 265 5.79 24.03 -7.69
C VAL A 265 5.90 23.61 -9.15
N GLN A 266 6.20 22.32 -9.37
CA GLN A 266 6.26 21.71 -10.69
C GLN A 266 5.22 20.60 -10.76
N PRO A 267 4.22 20.71 -11.63
CA PRO A 267 3.23 19.64 -11.75
C PRO A 267 3.86 18.35 -12.24
N SER A 268 3.32 17.23 -11.76
CA SER A 268 3.73 15.92 -12.25
C SER A 268 3.44 15.79 -13.75
N ASN A 269 4.33 15.14 -14.48
CA ASN A 269 4.08 14.83 -15.89
C ASN A 269 3.24 13.57 -16.09
N ARG A 270 3.11 12.74 -15.06
CA ARG A 270 2.34 11.50 -15.09
C ARG A 270 0.84 11.74 -15.22
N ALA B 2 -33.27 -17.53 -13.03
CA ALA B 2 -32.11 -17.00 -13.74
C ALA B 2 -30.94 -16.81 -12.76
N THR B 3 -29.74 -16.74 -13.31
CA THR B 3 -28.50 -16.61 -12.53
C THR B 3 -27.85 -15.30 -12.89
N TYR B 4 -27.58 -14.47 -11.88
CA TYR B 4 -26.99 -13.16 -12.07
C TYR B 4 -25.67 -13.08 -11.30
N LEU B 5 -24.65 -12.51 -11.92
CA LEU B 5 -23.35 -12.35 -11.29
C LEU B 5 -23.04 -10.86 -11.26
N ILE B 6 -22.75 -10.34 -10.07
CA ILE B 6 -22.48 -8.91 -9.93
C ILE B 6 -21.11 -8.73 -9.30
N GLY B 7 -20.36 -7.74 -9.80
CA GLY B 7 -19.03 -7.42 -9.30
C GLY B 7 -19.10 -6.62 -8.00
N ASP B 8 -17.96 -6.04 -7.64
CA ASP B 8 -17.77 -5.42 -6.32
C ASP B 8 -18.81 -4.32 -6.09
N VAL B 9 -19.57 -4.46 -5.02
CA VAL B 9 -20.63 -3.51 -4.69
C VAL B 9 -20.07 -2.33 -3.89
N HIS B 10 -19.13 -2.59 -2.99
CA HIS B 10 -18.46 -1.54 -2.20
C HIS B 10 -19.47 -0.55 -1.60
N GLY B 11 -20.48 -1.08 -0.92
CA GLY B 11 -21.42 -0.20 -0.25
C GLY B 11 -22.32 0.61 -1.18
N CYS B 12 -22.34 0.33 -2.48
CA CYS B 12 -23.21 1.11 -3.39
C CYS B 12 -24.59 0.45 -3.42
N TYR B 13 -25.31 0.64 -2.32
CA TYR B 13 -26.55 -0.08 -2.14
C TYR B 13 -27.62 0.37 -3.15
N ASP B 14 -27.73 1.68 -3.40
CA ASP B 14 -28.75 2.17 -4.33
C ASP B 14 -28.53 1.63 -5.73
N GLU B 15 -27.28 1.59 -6.17
CA GLU B 15 -26.97 1.07 -7.50
C GLU B 15 -27.26 -0.42 -7.58
N LEU B 16 -26.94 -1.16 -6.51
CA LEU B 16 -27.23 -2.59 -6.49
C LEU B 16 -28.73 -2.83 -6.65
N ILE B 17 -29.54 -2.11 -5.84
CA ILE B 17 -30.99 -2.34 -5.90
C ILE B 17 -31.54 -1.93 -7.26
N ALA B 18 -31.07 -0.81 -7.81
CA ALA B 18 -31.54 -0.40 -9.14
C ALA B 18 -31.21 -1.46 -10.19
N LEU B 19 -30.01 -2.04 -10.12
CA LEU B 19 -29.60 -3.04 -11.08
C LEU B 19 -30.46 -4.29 -10.94
N LEU B 20 -30.73 -4.71 -9.70
CA LEU B 20 -31.54 -5.90 -9.47
C LEU B 20 -32.99 -5.70 -9.89
N HIS B 21 -33.53 -4.49 -9.70
CA HIS B 21 -34.88 -4.18 -10.17
C HIS B 21 -34.94 -4.15 -11.69
N LYS B 22 -33.86 -3.70 -12.33
CA LYS B 22 -33.80 -3.68 -13.78
C LYS B 22 -33.94 -5.10 -14.35
N VAL B 23 -33.27 -6.10 -13.75
CA VAL B 23 -33.40 -7.47 -14.22
C VAL B 23 -34.53 -8.22 -13.54
N GLU B 24 -35.31 -7.54 -12.70
CA GLU B 24 -36.40 -8.15 -11.94
C GLU B 24 -35.93 -9.36 -11.16
N PHE B 25 -34.84 -9.18 -10.42
CA PHE B 25 -34.34 -10.26 -9.56
C PHE B 25 -35.40 -10.69 -8.56
N THR B 26 -35.67 -11.98 -8.51
CA THR B 26 -36.71 -12.57 -7.68
C THR B 26 -36.19 -13.72 -6.83
N PRO B 27 -35.92 -13.49 -5.53
CA PRO B 27 -35.47 -14.59 -4.67
C PRO B 27 -36.44 -15.77 -4.73
N GLY B 28 -35.88 -16.98 -4.79
CA GLY B 28 -36.65 -18.21 -4.89
C GLY B 28 -36.76 -18.73 -6.31
N LYS B 29 -36.76 -17.83 -7.30
CA LYS B 29 -36.66 -18.18 -8.69
C LYS B 29 -35.28 -17.90 -9.28
N ASP B 30 -34.55 -16.92 -8.73
CA ASP B 30 -33.27 -16.48 -9.25
C ASP B 30 -32.21 -16.64 -8.19
N THR B 31 -30.95 -16.72 -8.64
CA THR B 31 -29.80 -16.78 -7.75
C THR B 31 -28.86 -15.64 -8.08
N LEU B 32 -28.31 -15.00 -7.07
CA LEU B 32 -27.37 -13.90 -7.26
C LEU B 32 -25.99 -14.33 -6.78
N TRP B 33 -24.98 -14.18 -7.64
CA TRP B 33 -23.59 -14.41 -7.25
C TRP B 33 -22.92 -13.06 -7.09
N LEU B 34 -22.18 -12.88 -6.00
CA LEU B 34 -21.48 -11.63 -5.73
C LEU B 34 -19.99 -11.90 -5.57
N THR B 35 -19.16 -11.15 -6.30
CA THR B 35 -17.71 -11.36 -6.23
C THR B 35 -17.07 -10.84 -4.93
N GLY B 36 -17.81 -10.35 -3.92
CA GLY B 36 -17.18 -9.85 -2.71
C GLY B 36 -16.84 -8.38 -2.78
N ASP B 37 -16.13 -7.92 -1.76
CA ASP B 37 -15.96 -6.50 -1.50
C ASP B 37 -17.33 -5.82 -1.49
N LEU B 38 -18.19 -6.35 -0.61
CA LEU B 38 -19.52 -5.80 -0.44
C LEU B 38 -19.51 -4.44 0.22
N VAL B 39 -18.44 -4.12 0.96
CA VAL B 39 -18.43 -3.00 1.88
C VAL B 39 -17.27 -2.06 1.51
N ALA B 40 -17.29 -0.87 2.13
CA ALA B 40 -16.26 0.18 2.11
C ALA B 40 -16.34 1.08 0.89
N ARG B 41 -15.99 2.36 1.10
CA ARG B 41 -15.89 3.40 0.06
C ARG B 41 -17.27 3.97 -0.24
N GLY B 42 -18.21 3.13 -0.64
CA GLY B 42 -19.57 3.58 -0.84
C GLY B 42 -20.26 3.85 0.48
N PRO B 43 -21.41 4.55 0.44
CA PRO B 43 -22.06 4.98 1.68
C PRO B 43 -22.91 3.93 2.39
N GLY B 44 -23.25 2.80 1.73
CA GLY B 44 -24.28 1.92 2.28
C GLY B 44 -23.86 0.51 2.66
N SER B 45 -22.68 0.35 3.27
CA SER B 45 -22.20 -0.98 3.63
C SER B 45 -23.17 -1.68 4.55
N LEU B 46 -23.78 -0.94 5.48
CA LEU B 46 -24.71 -1.55 6.43
C LEU B 46 -25.94 -2.11 5.70
N ASP B 47 -26.48 -1.32 4.77
CA ASP B 47 -27.65 -1.72 4.00
C ASP B 47 -27.34 -2.93 3.13
N VAL B 48 -26.16 -2.92 2.49
CA VAL B 48 -25.76 -4.04 1.64
C VAL B 48 -25.69 -5.32 2.45
N LEU B 49 -25.02 -5.29 3.61
CA LEU B 49 -24.90 -6.53 4.38
C LEU B 49 -26.27 -7.01 4.84
N ARG B 50 -27.12 -6.10 5.32
CA ARG B 50 -28.45 -6.49 5.77
C ARG B 50 -29.23 -7.18 4.65
N TYR B 51 -29.23 -6.57 3.47
CA TYR B 51 -29.98 -7.13 2.34
C TYR B 51 -29.40 -8.48 1.91
N VAL B 52 -28.08 -8.53 1.69
CA VAL B 52 -27.49 -9.76 1.18
C VAL B 52 -27.73 -10.91 2.17
N LYS B 53 -27.54 -10.66 3.46
CA LYS B 53 -27.83 -11.70 4.45
C LYS B 53 -29.28 -12.14 4.37
N SER B 54 -30.21 -11.19 4.23
CA SER B 54 -31.62 -11.56 4.16
C SER B 54 -31.93 -12.44 2.94
N LEU B 55 -31.08 -12.43 1.90
CA LEU B 55 -31.36 -13.27 0.74
C LEU B 55 -31.20 -14.77 1.01
N GLY B 56 -30.43 -15.15 2.04
CA GLY B 56 -30.29 -16.58 2.32
C GLY B 56 -29.69 -17.35 1.16
N ASP B 57 -30.33 -18.48 0.82
CA ASP B 57 -29.83 -19.38 -0.24
C ASP B 57 -29.93 -18.77 -1.63
N SER B 58 -30.59 -17.64 -1.81
CA SER B 58 -30.66 -17.02 -3.12
C SER B 58 -29.42 -16.20 -3.45
N VAL B 59 -28.41 -16.20 -2.58
CA VAL B 59 -27.16 -15.52 -2.88
C VAL B 59 -25.99 -16.47 -2.63
N ARG B 60 -24.99 -16.40 -3.50
CA ARG B 60 -23.72 -17.12 -3.40
C ARG B 60 -22.61 -16.07 -3.39
N LEU B 61 -22.06 -15.84 -2.22
CA LEU B 61 -21.07 -14.80 -1.99
C LEU B 61 -19.68 -15.43 -1.91
N VAL B 62 -18.66 -14.67 -2.28
CA VAL B 62 -17.28 -14.93 -1.87
C VAL B 62 -16.76 -13.69 -1.14
N LEU B 63 -15.89 -13.89 -0.16
CA LEU B 63 -15.31 -12.77 0.57
C LEU B 63 -14.15 -12.14 -0.22
N GLY B 64 -14.10 -10.81 -0.21
CA GLY B 64 -13.00 -10.05 -0.78
C GLY B 64 -12.06 -9.46 0.28
N ASN B 65 -11.04 -8.73 -0.19
CA ASN B 65 -10.06 -8.18 0.74
C ASN B 65 -10.66 -7.11 1.65
N HIS B 66 -11.66 -6.35 1.17
CA HIS B 66 -12.30 -5.35 2.03
C HIS B 66 -13.28 -5.98 3.00
N ASP B 67 -13.88 -7.12 2.64
CA ASP B 67 -14.66 -7.86 3.62
C ASP B 67 -13.78 -8.37 4.77
N LEU B 68 -12.62 -8.94 4.45
CA LEU B 68 -11.70 -9.40 5.49
C LEU B 68 -11.15 -8.24 6.33
N HIS B 69 -10.88 -7.10 5.70
CA HIS B 69 -10.46 -5.94 6.45
C HIS B 69 -11.54 -5.47 7.42
N LEU B 70 -12.80 -5.41 6.97
CA LEU B 70 -13.89 -5.08 7.88
C LEU B 70 -13.92 -6.05 9.05
N LEU B 71 -13.79 -7.35 8.77
CA LEU B 71 -13.79 -8.33 9.86
C LEU B 71 -12.64 -8.07 10.84
N ALA B 72 -11.47 -7.66 10.32
CA ALA B 72 -10.33 -7.37 11.20
C ALA B 72 -10.58 -6.16 12.08
N VAL B 73 -11.21 -5.13 11.53
CA VAL B 73 -11.57 -3.97 12.33
C VAL B 73 -12.57 -4.37 13.39
N PHE B 74 -13.56 -5.16 13.00
CA PHE B 74 -14.58 -5.61 13.95
C PHE B 74 -13.96 -6.36 15.12
N ALA B 75 -12.95 -7.19 14.85
CA ALA B 75 -12.31 -7.98 15.90
C ALA B 75 -11.25 -7.21 16.68
N GLY B 76 -11.04 -5.92 16.42
CA GLY B 76 -10.01 -5.19 17.13
C GLY B 76 -8.60 -5.45 16.66
N ILE B 77 -8.44 -6.13 15.51
CA ILE B 77 -7.13 -6.43 14.94
C ILE B 77 -6.58 -5.22 14.22
N SER B 78 -7.44 -4.50 13.52
CA SER B 78 -7.04 -3.40 12.65
C SER B 78 -7.85 -2.19 13.06
N ARG B 79 -7.34 -1.01 12.74
CA ARG B 79 -8.01 0.22 13.17
C ARG B 79 -8.95 0.74 12.08
N ASN B 80 -10.13 1.20 12.52
CA ASN B 80 -11.12 1.74 11.60
C ASN B 80 -10.66 3.06 11.01
N LYS B 81 -10.61 3.15 9.69
CA LYS B 81 -10.34 4.41 9.00
C LYS B 81 -11.66 5.07 8.63
N PRO B 82 -11.94 6.30 9.07
CA PRO B 82 -13.27 6.91 8.81
C PRO B 82 -13.64 6.97 7.34
N LYS B 83 -12.66 7.20 6.47
CA LYS B 83 -12.95 7.39 5.07
C LYS B 83 -13.54 6.15 4.42
N ASP B 84 -13.34 4.96 5.00
CA ASP B 84 -13.90 3.74 4.43
C ASP B 84 -15.41 3.70 4.58
N ARG B 85 -15.96 4.50 5.49
CA ARG B 85 -17.40 4.61 5.73
CA ARG B 85 -17.40 4.61 5.72
C ARG B 85 -17.98 3.32 6.31
N LEU B 86 -17.19 2.66 7.16
CA LEU B 86 -17.66 1.45 7.83
C LEU B 86 -18.26 1.71 9.20
N THR B 87 -18.14 2.93 9.72
CA THR B 87 -18.55 3.18 11.10
C THR B 87 -20.03 2.93 11.34
N PRO B 88 -20.96 3.30 10.44
CA PRO B 88 -22.36 2.97 10.71
C PRO B 88 -22.57 1.49 10.88
N LEU B 89 -21.93 0.67 10.04
CA LEU B 89 -22.02 -0.77 10.19
C LEU B 89 -21.40 -1.24 11.49
N LEU B 90 -20.21 -0.73 11.83
CA LEU B 90 -19.57 -1.21 13.05
C LEU B 90 -20.39 -0.83 14.30
N GLU B 91 -21.08 0.31 14.26
CA GLU B 91 -21.83 0.81 15.41
C GLU B 91 -23.27 0.34 15.44
N ALA B 92 -23.71 -0.42 14.42
CA ALA B 92 -25.10 -0.82 14.33
C ALA B 92 -25.44 -1.82 15.42
N PRO B 93 -26.68 -1.81 15.90
CA PRO B 93 -27.08 -2.77 16.93
C PRO B 93 -27.04 -4.22 16.46
N ASP B 94 -27.14 -4.46 15.15
CA ASP B 94 -27.03 -5.81 14.62
C ASP B 94 -25.65 -6.12 14.06
N ALA B 95 -24.62 -5.35 14.44
CA ALA B 95 -23.27 -5.58 13.90
C ALA B 95 -22.81 -7.00 14.15
N ASP B 96 -23.03 -7.52 15.36
CA ASP B 96 -22.54 -8.85 15.68
C ASP B 96 -23.19 -9.90 14.79
N GLU B 97 -24.51 -9.80 14.61
CA GLU B 97 -25.20 -10.78 13.78
C GLU B 97 -24.70 -10.72 12.33
N LEU B 98 -24.56 -9.52 11.79
CA LEU B 98 -24.13 -9.35 10.40
C LEU B 98 -22.70 -9.84 10.19
N LEU B 99 -21.80 -9.50 11.11
CA LEU B 99 -20.38 -9.82 10.90
C LEU B 99 -20.06 -11.27 11.26
N ASN B 100 -20.78 -11.85 12.24
CA ASN B 100 -20.64 -13.28 12.45
C ASN B 100 -21.21 -14.09 11.29
N TRP B 101 -22.25 -13.56 10.62
CA TRP B 101 -22.69 -14.19 9.38
C TRP B 101 -21.63 -14.02 8.28
N LEU B 102 -21.07 -12.82 8.15
CA LEU B 102 -20.15 -12.57 7.04
C LEU B 102 -18.92 -13.47 7.13
N ARG B 103 -18.37 -13.66 8.32
CA ARG B 103 -17.16 -14.47 8.44
C ARG B 103 -17.40 -15.94 8.18
N ARG B 104 -18.66 -16.36 8.09
CA ARG B 104 -18.97 -17.75 7.75
C ARG B 104 -19.13 -17.95 6.26
N GLN B 105 -18.94 -16.90 5.44
CA GLN B 105 -19.20 -17.04 4.02
C GLN B 105 -17.97 -17.60 3.30
N PRO B 106 -18.16 -18.22 2.13
CA PRO B 106 -17.04 -18.89 1.45
C PRO B 106 -16.05 -17.92 0.81
N LEU B 107 -14.87 -18.46 0.50
CA LEU B 107 -13.88 -17.79 -0.34
C LEU B 107 -13.99 -18.22 -1.80
N LEU B 108 -14.72 -19.29 -2.07
CA LEU B 108 -14.73 -19.92 -3.39
C LEU B 108 -16.11 -20.51 -3.61
N GLN B 109 -16.72 -20.24 -4.76
CA GLN B 109 -18.01 -20.83 -5.13
C GLN B 109 -17.79 -21.67 -6.38
N ILE B 110 -18.33 -22.90 -6.40
CA ILE B 110 -18.20 -23.78 -7.56
C ILE B 110 -19.57 -24.32 -7.92
N ASP B 111 -19.92 -24.23 -9.21
CA ASP B 111 -21.16 -24.82 -9.68
C ASP B 111 -20.81 -25.74 -10.85
N GLU B 112 -20.94 -27.06 -10.61
CA GLU B 112 -20.51 -28.05 -11.58
C GLU B 112 -21.43 -28.11 -12.78
N GLU B 113 -22.74 -27.90 -12.58
CA GLU B 113 -23.70 -27.91 -13.68
C GLU B 113 -23.53 -26.70 -14.59
N LYS B 114 -23.06 -25.57 -14.04
CA LYS B 114 -22.76 -24.43 -14.90
C LYS B 114 -21.30 -24.45 -15.35
N LYS B 115 -20.48 -25.35 -14.80
CA LYS B 115 -19.04 -25.32 -15.01
C LYS B 115 -18.50 -23.91 -14.71
N LEU B 116 -18.84 -23.41 -13.53
CA LEU B 116 -18.58 -22.01 -13.19
C LEU B 116 -17.90 -21.94 -11.82
N VAL B 117 -16.82 -21.17 -11.74
CA VAL B 117 -16.05 -20.99 -10.52
C VAL B 117 -16.00 -19.51 -10.23
N MET B 118 -16.15 -19.14 -8.96
CA MET B 118 -16.00 -17.74 -8.58
C MET B 118 -15.14 -17.59 -7.32
N ALA B 119 -14.26 -16.58 -7.35
CA ALA B 119 -13.47 -16.12 -6.21
C ALA B 119 -13.25 -14.64 -6.42
N HIS B 120 -12.88 -13.93 -5.35
CA HIS B 120 -12.80 -12.46 -5.43
C HIS B 120 -11.78 -12.02 -6.47
N ALA B 121 -10.54 -12.54 -6.38
CA ALA B 121 -9.46 -12.14 -7.27
C ALA B 121 -9.26 -13.10 -8.43
N GLY B 122 -9.83 -14.29 -8.38
CA GLY B 122 -9.64 -15.24 -9.46
C GLY B 122 -8.97 -16.49 -8.93
N ILE B 123 -8.40 -17.31 -9.81
CA ILE B 123 -7.75 -18.56 -9.44
C ILE B 123 -6.31 -18.50 -9.90
N THR B 124 -5.36 -18.53 -8.96
CA THR B 124 -3.98 -18.48 -9.38
C THR B 124 -3.70 -19.64 -10.31
N PRO B 125 -2.94 -19.42 -11.39
CA PRO B 125 -2.56 -20.54 -12.26
C PRO B 125 -1.75 -21.63 -11.56
N GLN B 126 -1.21 -21.37 -10.37
CA GLN B 126 -0.48 -22.42 -9.66
C GLN B 126 -1.39 -23.45 -9.00
N TRP B 127 -2.71 -23.28 -9.05
CA TRP B 127 -3.65 -24.15 -8.38
C TRP B 127 -4.49 -24.91 -9.38
N ASP B 128 -4.68 -26.21 -9.13
CA ASP B 128 -5.77 -26.94 -9.74
C ASP B 128 -6.99 -26.81 -8.85
N LEU B 129 -8.12 -27.37 -9.31
CA LEU B 129 -9.38 -27.16 -8.62
C LEU B 129 -9.35 -27.81 -7.24
N GLN B 130 -8.81 -29.02 -7.13
CA GLN B 130 -8.83 -29.72 -5.84
C GLN B 130 -8.03 -28.93 -4.80
N THR B 131 -6.90 -28.34 -5.20
CA THR B 131 -6.11 -27.53 -4.28
C THR B 131 -6.86 -26.26 -3.91
N ALA B 132 -7.46 -25.58 -4.90
CA ALA B 132 -8.25 -24.39 -4.59
C ALA B 132 -9.33 -24.71 -3.58
N LYS B 133 -10.00 -25.87 -3.75
CA LYS B 133 -11.07 -26.29 -2.84
C LYS B 133 -10.53 -26.51 -1.43
N GLU B 134 -9.40 -27.21 -1.32
CA GLU B 134 -8.83 -27.51 -0.02
C GLU B 134 -8.37 -26.24 0.69
N CYS B 135 -7.73 -25.33 -0.06
CA CYS B 135 -7.26 -24.08 0.51
C CYS B 135 -8.41 -23.21 0.99
N ALA B 136 -9.47 -23.11 0.18
CA ALA B 136 -10.66 -22.38 0.61
C ALA B 136 -11.25 -22.98 1.89
N ARG B 137 -11.35 -24.32 1.95
CA ARG B 137 -11.91 -24.93 3.16
CA ARG B 137 -11.91 -24.94 3.15
C ARG B 137 -11.07 -24.63 4.38
N ASP B 138 -9.74 -24.63 4.23
CA ASP B 138 -8.87 -24.36 5.38
C ASP B 138 -9.07 -22.94 5.92
N VAL B 139 -9.07 -21.94 5.02
CA VAL B 139 -9.21 -20.58 5.52
C VAL B 139 -10.63 -20.33 6.03
N GLU B 140 -11.64 -20.87 5.32
CA GLU B 140 -13.01 -20.74 5.78
C GLU B 140 -13.16 -21.35 7.18
N ALA B 141 -12.45 -22.45 7.46
CA ALA B 141 -12.53 -23.07 8.78
C ALA B 141 -11.98 -22.14 9.85
N VAL B 142 -10.87 -21.44 9.57
CA VAL B 142 -10.37 -20.53 10.62
C VAL B 142 -11.27 -19.30 10.77
N LEU B 143 -11.80 -18.78 9.66
CA LEU B 143 -12.66 -17.60 9.72
C LEU B 143 -13.95 -17.89 10.50
N SER B 144 -14.47 -19.10 10.41
CA SER B 144 -15.70 -19.49 11.08
CA SER B 144 -15.71 -19.44 11.10
C SER B 144 -15.48 -19.93 12.52
N SER B 145 -14.23 -20.09 12.93
CA SER B 145 -13.91 -20.62 14.26
C SER B 145 -13.96 -19.51 15.32
N ASP B 146 -14.04 -19.91 16.60
CA ASP B 146 -14.01 -18.95 17.69
C ASP B 146 -12.71 -18.18 17.75
N SER B 147 -11.67 -18.66 17.09
CA SER B 147 -10.35 -18.04 17.14
C SER B 147 -10.07 -17.15 15.92
N TYR B 148 -11.12 -16.68 15.24
CA TYR B 148 -10.90 -15.91 14.03
C TYR B 148 -10.09 -14.63 14.21
N PRO B 149 -10.09 -13.91 15.35
CA PRO B 149 -9.24 -12.70 15.42
C PRO B 149 -7.76 -13.01 15.28
N PHE B 150 -7.35 -14.14 15.85
CA PHE B 150 -5.96 -14.57 15.73
CA PHE B 150 -5.97 -14.58 15.73
C PHE B 150 -5.59 -14.80 14.27
N PHE B 151 -6.46 -15.46 13.51
CA PHE B 151 -6.17 -15.70 12.10
CA PHE B 151 -6.12 -15.70 12.12
C PHE B 151 -6.17 -14.41 11.31
N LEU B 152 -7.14 -13.53 11.58
CA LEU B 152 -7.18 -12.27 10.85
C LEU B 152 -5.88 -11.50 11.07
N ASP B 153 -5.36 -11.55 12.30
CA ASP B 153 -4.07 -10.90 12.54
C ASP B 153 -2.97 -11.62 11.79
N ALA B 154 -3.03 -12.96 11.75
CA ALA B 154 -2.01 -13.74 11.07
C ALA B 154 -2.05 -13.57 9.56
N MET B 155 -3.23 -13.23 9.00
CA MET B 155 -3.41 -13.23 7.55
CA MET B 155 -3.37 -13.27 7.55
C MET B 155 -2.59 -12.16 6.86
N TYR B 156 -2.20 -11.09 7.56
CA TYR B 156 -1.49 -9.99 6.93
C TYR B 156 -0.07 -10.40 6.55
N GLY B 157 0.36 -10.00 5.37
CA GLY B 157 1.69 -10.28 4.89
C GLY B 157 1.72 -10.43 3.38
N ASP B 158 2.89 -10.18 2.79
CA ASP B 158 3.05 -10.23 1.35
C ASP B 158 3.85 -11.44 0.85
N MET B 159 4.35 -12.29 1.76
CA MET B 159 5.12 -13.51 1.53
C MET B 159 4.50 -14.68 2.26
N PRO B 160 4.70 -15.91 1.76
CA PRO B 160 5.38 -16.28 0.52
C PRO B 160 4.48 -15.99 -0.67
N ASN B 161 5.04 -15.86 -1.87
CA ASN B 161 4.24 -15.54 -3.04
C ASN B 161 4.28 -16.66 -4.07
N ASN B 162 4.72 -17.83 -3.63
CA ASN B 162 4.84 -18.99 -4.49
C ASN B 162 4.18 -20.19 -3.83
N TRP B 163 3.27 -20.85 -4.54
CA TRP B 163 2.57 -22.00 -3.95
C TRP B 163 3.45 -23.23 -3.94
N SER B 164 3.33 -24.02 -2.87
CA SER B 164 3.88 -25.34 -2.76
C SER B 164 2.98 -26.14 -1.84
N PRO B 165 2.67 -27.40 -2.17
CA PRO B 165 1.97 -28.26 -1.20
C PRO B 165 2.77 -28.43 0.10
N GLU B 166 4.05 -28.07 0.11
CA GLU B 166 4.88 -28.17 1.29
C GLU B 166 4.74 -26.97 2.23
N LEU B 167 4.08 -25.89 1.81
CA LEU B 167 3.89 -24.76 2.69
C LEU B 167 3.17 -25.21 3.96
N ARG B 168 3.59 -24.66 5.09
CA ARG B 168 2.96 -24.94 6.37
C ARG B 168 2.70 -23.65 7.11
N GLY B 169 1.77 -23.70 8.07
CA GLY B 169 1.66 -22.63 9.04
C GLY B 169 1.26 -21.29 8.45
N LEU B 170 1.83 -20.23 9.05
CA LEU B 170 1.44 -18.86 8.71
C LEU B 170 1.64 -18.57 7.23
N GLY B 171 2.76 -19.04 6.66
CA GLY B 171 3.01 -18.77 5.25
C GLY B 171 1.95 -19.39 4.34
N ARG B 172 1.54 -20.62 4.64
CA ARG B 172 0.46 -21.24 3.86
C ARG B 172 -0.82 -20.40 3.94
N LEU B 173 -1.18 -19.97 5.15
CA LEU B 173 -2.43 -19.24 5.29
C LEU B 173 -2.36 -17.88 4.59
N ARG B 174 -1.23 -17.18 4.71
CA ARG B 174 -1.06 -15.89 4.05
C ARG B 174 -1.12 -16.04 2.54
N PHE B 175 -0.42 -17.04 1.98
CA PHE B 175 -0.49 -17.23 0.53
C PHE B 175 -1.93 -17.47 0.07
N ILE B 176 -2.64 -18.37 0.77
CA ILE B 176 -4.02 -18.68 0.36
C ILE B 176 -4.87 -17.40 0.37
N THR B 177 -4.77 -16.62 1.44
CA THR B 177 -5.56 -15.39 1.53
C THR B 177 -5.22 -14.44 0.39
N ASN B 178 -3.93 -14.28 0.11
CA ASN B 178 -3.49 -13.36 -0.93
C ASN B 178 -3.95 -13.82 -2.31
N ALA B 179 -3.89 -15.13 -2.55
CA ALA B 179 -4.30 -15.67 -3.84
C ALA B 179 -5.78 -15.45 -4.08
N PHE B 180 -6.62 -15.72 -3.08
CA PHE B 180 -8.06 -15.56 -3.30
C PHE B 180 -8.51 -14.12 -3.29
N THR B 181 -7.87 -13.24 -2.53
CA THR B 181 -8.47 -11.92 -2.32
C THR B 181 -7.62 -10.73 -2.76
N ARG B 182 -6.36 -10.91 -3.12
CA ARG B 182 -5.57 -9.74 -3.49
C ARG B 182 -4.89 -9.85 -4.84
N MET B 183 -4.80 -11.03 -5.42
CA MET B 183 -3.95 -11.20 -6.60
C MET B 183 -4.45 -10.42 -7.81
N ARG B 184 -3.49 -9.84 -8.53
CA ARG B 184 -3.70 -9.27 -9.86
C ARG B 184 -2.62 -9.80 -10.80
N PHE B 185 -1.39 -9.32 -10.61
CA PHE B 185 -0.29 -9.68 -11.51
C PHE B 185 0.51 -10.89 -11.03
N CYS B 186 1.06 -11.62 -11.99
CA CYS B 186 1.95 -12.74 -11.75
C CYS B 186 3.26 -12.52 -12.49
N PHE B 187 4.32 -13.10 -11.95
CA PHE B 187 5.52 -13.31 -12.71
C PHE B 187 5.29 -14.46 -13.68
N PRO B 188 6.13 -14.59 -14.72
CA PRO B 188 5.88 -15.65 -15.71
C PRO B 188 5.77 -17.05 -15.12
N ASN B 189 6.50 -17.35 -14.05
CA ASN B 189 6.40 -18.65 -13.39
C ASN B 189 5.15 -18.77 -12.52
N GLY B 190 4.32 -17.73 -12.45
CA GLY B 190 3.10 -17.79 -11.68
C GLY B 190 3.17 -17.20 -10.28
N GLN B 191 4.33 -16.74 -9.83
CA GLN B 191 4.42 -16.16 -8.49
C GLN B 191 3.62 -14.86 -8.42
N LEU B 192 2.96 -14.65 -7.28
CA LEU B 192 2.14 -13.45 -7.08
C LEU B 192 3.02 -12.22 -6.92
N ASP B 193 2.60 -11.13 -7.55
CA ASP B 193 3.10 -9.80 -7.21
C ASP B 193 2.03 -9.07 -6.40
N MET B 194 2.42 -8.56 -5.22
CA MET B 194 1.47 -7.99 -4.28
CA MET B 194 1.46 -7.99 -4.28
C MET B 194 1.46 -6.46 -4.28
N TYR B 195 2.03 -5.83 -5.31
CA TYR B 195 2.19 -4.38 -5.27
C TYR B 195 1.53 -3.64 -6.42
N SER B 196 1.63 -4.14 -7.65
CA SER B 196 1.11 -3.40 -8.79
C SER B 196 -0.41 -3.58 -8.91
N LYS B 197 -1.14 -2.48 -8.98
CA LYS B 197 -2.59 -2.51 -9.15
C LYS B 197 -3.07 -1.81 -10.41
N GLU B 198 -2.17 -1.45 -11.32
CA GLU B 198 -2.57 -0.73 -12.52
C GLU B 198 -3.12 -1.70 -13.56
N SER B 199 -3.55 -1.15 -14.70
CA SER B 199 -4.00 -1.98 -15.80
C SER B 199 -2.83 -2.75 -16.41
N PRO B 200 -3.11 -3.87 -17.06
CA PRO B 200 -2.02 -4.69 -17.64
C PRO B 200 -1.11 -3.92 -18.60
N GLU B 201 -1.67 -3.01 -19.40
CA GLU B 201 -0.86 -2.27 -20.36
C GLU B 201 0.16 -1.38 -19.68
N GLU B 202 -0.14 -0.91 -18.46
CA GLU B 202 0.73 0.01 -17.75
C GLU B 202 1.69 -0.67 -16.78
N ALA B 203 1.59 -1.99 -16.61
CA ALA B 203 2.37 -2.68 -15.58
C ALA B 203 3.84 -2.78 -15.99
N PRO B 204 4.74 -2.84 -15.02
CA PRO B 204 6.16 -3.03 -15.35
C PRO B 204 6.45 -4.49 -15.69
N ALA B 205 7.37 -4.68 -16.64
CA ALA B 205 7.79 -6.02 -17.01
C ALA B 205 8.50 -6.67 -15.83
N PRO B 206 8.45 -8.01 -15.71
CA PRO B 206 7.74 -8.96 -16.57
C PRO B 206 6.33 -9.29 -16.09
N LEU B 207 5.63 -8.38 -15.41
CA LEU B 207 4.33 -8.75 -14.84
C LEU B 207 3.30 -8.97 -15.93
N LYS B 208 2.51 -10.03 -15.76
CA LYS B 208 1.36 -10.34 -16.60
C LYS B 208 0.15 -10.64 -15.75
N PRO B 209 -1.07 -10.39 -16.24
CA PRO B 209 -2.26 -10.77 -15.47
C PRO B 209 -2.26 -12.27 -15.17
N TRP B 210 -2.81 -12.63 -14.01
CA TRP B 210 -2.89 -14.03 -13.62
C TRP B 210 -3.61 -14.87 -14.67
N PHE B 211 -4.62 -14.29 -15.32
CA PHE B 211 -5.41 -15.06 -16.28
C PHE B 211 -4.72 -15.19 -17.63
N ALA B 212 -3.61 -14.48 -17.86
CA ALA B 212 -2.86 -14.63 -19.09
C ALA B 212 -1.88 -15.78 -19.02
N ILE B 213 -1.82 -16.45 -17.88
CA ILE B 213 -0.95 -17.60 -17.67
C ILE B 213 -1.84 -18.84 -17.61
N PRO B 214 -1.74 -19.76 -18.57
CA PRO B 214 -2.68 -20.88 -18.61
C PRO B 214 -2.60 -21.72 -17.34
N GLY B 215 -3.76 -21.98 -16.74
CA GLY B 215 -3.85 -22.76 -15.53
C GLY B 215 -4.88 -23.85 -15.69
N PRO B 216 -4.79 -24.90 -14.88
CA PRO B 216 -5.67 -26.06 -15.10
C PRO B 216 -7.14 -25.79 -14.85
N VAL B 217 -7.50 -24.87 -13.94
CA VAL B 217 -8.92 -24.64 -13.65
C VAL B 217 -9.61 -24.07 -14.88
N ALA B 218 -8.99 -23.11 -15.56
CA ALA B 218 -9.56 -22.49 -16.75
C ALA B 218 -9.73 -23.44 -17.92
N GLU B 219 -9.10 -24.62 -17.88
CA GLU B 219 -9.26 -25.56 -18.97
C GLU B 219 -10.59 -26.29 -18.89
N GLU B 220 -11.18 -26.40 -17.71
CA GLU B 220 -12.48 -27.02 -17.58
C GLU B 220 -13.58 -26.07 -17.10
N TYR B 221 -13.24 -24.90 -16.56
CA TYR B 221 -14.26 -24.04 -15.94
C TYR B 221 -14.16 -22.61 -16.42
N SER B 222 -15.32 -21.96 -16.48
CA SER B 222 -15.37 -20.50 -16.51
C SER B 222 -14.98 -19.95 -15.15
N ILE B 223 -14.34 -18.80 -15.14
CA ILE B 223 -13.95 -18.15 -13.90
C ILE B 223 -14.52 -16.75 -13.90
N ALA B 224 -15.36 -16.46 -12.92
CA ALA B 224 -15.85 -15.10 -12.66
C ALA B 224 -15.14 -14.54 -11.45
N PHE B 225 -14.77 -13.26 -11.51
CA PHE B 225 -14.08 -12.62 -10.40
C PHE B 225 -14.35 -11.12 -10.44
N GLY B 226 -14.00 -10.43 -9.34
CA GLY B 226 -14.16 -9.00 -9.25
C GLY B 226 -12.80 -8.34 -9.04
N HIS B 227 -12.67 -7.51 -7.98
CA HIS B 227 -11.40 -7.07 -7.40
C HIS B 227 -10.59 -6.08 -8.24
N TRP B 228 -10.30 -6.43 -9.50
CA TRP B 228 -9.29 -5.70 -10.29
C TRP B 228 -9.97 -4.59 -11.10
N ALA B 229 -10.21 -3.45 -10.43
CA ALA B 229 -11.01 -2.38 -11.04
C ALA B 229 -10.27 -1.71 -12.20
N SER B 230 -8.94 -1.57 -12.11
CA SER B 230 -8.19 -0.93 -13.19
C SER B 230 -8.27 -1.72 -14.49
N LEU B 231 -8.70 -2.97 -14.43
CA LEU B 231 -8.98 -3.76 -15.63
C LEU B 231 -10.21 -3.26 -16.36
N GLU B 232 -11.12 -2.61 -15.64
CA GLU B 232 -12.40 -2.10 -16.17
C GLU B 232 -13.22 -3.19 -16.85
N GLY B 233 -13.06 -4.44 -16.40
CA GLY B 233 -13.82 -5.55 -16.94
C GLY B 233 -13.48 -5.96 -18.36
N LYS B 234 -12.35 -5.51 -18.89
CA LYS B 234 -11.96 -5.72 -20.27
C LYS B 234 -10.64 -6.49 -20.35
N GLY B 235 -10.37 -7.02 -21.54
CA GLY B 235 -9.08 -7.60 -21.83
C GLY B 235 -8.89 -9.01 -21.33
N THR B 236 -9.97 -9.74 -21.09
CA THR B 236 -9.80 -11.09 -20.58
C THR B 236 -10.02 -12.13 -21.67
N PRO B 237 -9.39 -13.30 -21.55
CA PRO B 237 -9.64 -14.38 -22.50
C PRO B 237 -11.04 -14.94 -22.35
N GLU B 238 -11.43 -15.77 -23.33
CA GLU B 238 -12.73 -16.42 -23.27
C GLU B 238 -12.83 -17.30 -22.04
N GLY B 239 -14.00 -17.32 -21.42
CA GLY B 239 -14.20 -18.08 -20.21
C GLY B 239 -13.76 -17.37 -18.94
N ILE B 240 -13.19 -16.17 -19.05
CA ILE B 240 -12.74 -15.39 -17.90
C ILE B 240 -13.58 -14.11 -17.85
N TYR B 241 -14.29 -13.91 -16.73
CA TYR B 241 -15.23 -12.80 -16.61
C TYR B 241 -14.80 -11.89 -15.47
N ALA B 242 -14.32 -10.70 -15.84
CA ALA B 242 -13.89 -9.69 -14.88
C ALA B 242 -15.07 -8.76 -14.64
N LEU B 243 -15.75 -8.92 -13.51
CA LEU B 243 -17.02 -8.24 -13.28
C LEU B 243 -16.89 -6.91 -12.56
N ASP B 244 -15.72 -6.54 -12.06
CA ASP B 244 -15.63 -5.31 -11.26
C ASP B 244 -15.35 -4.14 -12.21
N THR B 245 -16.37 -3.31 -12.47
CA THR B 245 -16.22 -2.15 -13.33
C THR B 245 -16.20 -0.85 -12.54
N GLY B 246 -15.90 -0.93 -11.25
CA GLY B 246 -15.53 0.24 -10.47
C GLY B 246 -16.64 1.15 -10.01
N CYS B 247 -17.76 0.59 -9.56
CA CYS B 247 -18.91 1.42 -9.18
C CYS B 247 -18.54 2.47 -8.14
N CYS B 248 -17.93 2.05 -7.03
CA CYS B 248 -17.54 2.99 -5.98
C CYS B 248 -16.62 4.10 -6.46
N TRP B 249 -15.90 3.88 -7.56
CA TRP B 249 -14.97 4.88 -8.09
C TRP B 249 -15.62 5.82 -9.09
N GLY B 250 -16.95 5.85 -9.18
CA GLY B 250 -17.57 6.58 -10.26
C GLY B 250 -17.63 5.84 -11.58
N GLY B 251 -17.32 4.54 -11.59
CA GLY B 251 -17.49 3.71 -12.78
C GLY B 251 -18.91 3.19 -12.90
N THR B 252 -19.09 1.88 -13.01
CA THR B 252 -20.42 1.31 -13.14
C THR B 252 -20.50 0.03 -12.34
N LEU B 253 -21.73 -0.38 -11.99
CA LEU B 253 -21.99 -1.71 -11.45
C LEU B 253 -22.46 -2.63 -12.57
N THR B 254 -21.82 -3.79 -12.71
CA THR B 254 -22.10 -4.68 -13.84
C THR B 254 -22.74 -5.97 -13.36
N CYS B 255 -23.77 -6.40 -14.08
CA CYS B 255 -24.45 -7.64 -13.82
C CYS B 255 -24.41 -8.50 -15.08
N LEU B 256 -24.03 -9.76 -14.94
CA LEU B 256 -24.01 -10.72 -16.04
C LEU B 256 -25.06 -11.79 -15.77
N ARG B 257 -25.98 -11.96 -16.72
CA ARG B 257 -26.94 -13.06 -16.64
C ARG B 257 -26.31 -14.26 -17.33
N TRP B 258 -26.24 -15.36 -16.59
CA TRP B 258 -25.44 -16.49 -17.03
C TRP B 258 -26.11 -17.28 -18.16
N GLU B 259 -27.44 -17.37 -18.17
CA GLU B 259 -28.10 -18.24 -19.15
C GLU B 259 -27.84 -17.78 -20.58
N ASP B 260 -27.83 -16.47 -20.81
CA ASP B 260 -27.59 -15.95 -22.15
C ASP B 260 -26.38 -15.05 -22.23
N LYS B 261 -25.56 -15.00 -21.18
CA LYS B 261 -24.39 -14.12 -21.12
C LYS B 261 -24.77 -12.68 -21.44
N GLN B 262 -25.91 -12.25 -20.94
CA GLN B 262 -26.33 -10.88 -21.23
C GLN B 262 -25.85 -9.93 -20.13
N TYR B 263 -25.25 -8.80 -20.49
CA TYR B 263 -24.77 -7.82 -19.52
C TYR B 263 -25.78 -6.69 -19.30
N PHE B 264 -25.90 -6.24 -18.05
CA PHE B 264 -26.70 -5.10 -17.64
C PHE B 264 -25.81 -4.19 -16.79
N VAL B 265 -25.93 -2.88 -16.98
CA VAL B 265 -25.03 -1.93 -16.33
C VAL B 265 -25.84 -0.87 -15.59
N GLN B 266 -25.39 -0.52 -14.39
CA GLN B 266 -25.98 0.57 -13.62
C GLN B 266 -24.92 1.65 -13.42
N PRO B 267 -25.12 2.88 -13.93
CA PRO B 267 -24.13 3.93 -13.68
C PRO B 267 -24.03 4.26 -12.20
N SER B 268 -22.81 4.64 -11.78
CA SER B 268 -22.58 5.04 -10.41
C SER B 268 -23.32 6.34 -10.07
N ASN B 269 -23.81 6.45 -8.84
CA ASN B 269 -24.40 7.72 -8.40
C ASN B 269 -23.35 8.74 -8.00
N ARG B 270 -22.12 8.31 -7.76
CA ARG B 270 -21.04 9.20 -7.37
C ARG B 270 -20.63 10.14 -8.49
PA NAD C . 4.28 7.69 0.65
O1A NAD C . 3.49 8.59 1.58
O2A NAD C . 4.56 8.40 -0.66
O5B NAD C . 3.49 6.28 0.36
C5B NAD C . 2.99 5.53 1.46
C4B NAD C . 1.55 5.23 1.02
O4B NAD C . 0.75 6.42 1.07
C3B NAD C . 1.43 4.72 -0.44
O3B NAD C . 1.04 3.35 -0.46
C2B NAD C . 0.42 5.65 -1.14
O2B NAD C . -0.53 4.87 -1.88
C1B NAD C . -0.21 6.40 0.06
N9A NAD C . -0.55 7.77 -0.38
C8A NAD C . 0.18 8.55 -1.19
N7A NAD C . -0.44 9.72 -1.39
C5A NAD C . -1.61 9.68 -0.67
C6A NAD C . -2.64 10.63 -0.52
N6A NAD C . -2.58 11.85 -1.13
N1A NAD C . -3.71 10.33 0.27
C2A NAD C . -3.69 9.10 0.85
N3A NAD C . -2.76 8.16 0.74
C4A NAD C . -1.69 8.47 -0.05
O3 NAD C . 5.71 7.29 1.37
PN NAD C . 6.93 6.34 0.80
O1N NAD C . 8.03 6.26 1.84
O2N NAD C . 7.43 6.90 -0.51
O5D NAD C . 6.21 4.88 0.57
C5D NAD C . 6.35 3.85 1.55
MN MN D . 8.64 8.97 -0.47
MG MG E . 8.63 8.97 -0.45
MN MN F . 9.51 7.97 2.53
S SO4 G . 14.78 33.32 8.48
O1 SO4 G . 15.39 33.90 7.28
O2 SO4 G . 15.49 33.71 9.71
O3 SO4 G . 13.39 33.78 8.60
O4 SO4 G . 14.78 31.85 8.34
S SO4 H . 3.56 1.34 -2.92
O1 SO4 H . 4.56 1.78 -3.89
O2 SO4 H . 3.71 2.09 -1.67
O3 SO4 H . 2.23 1.58 -3.46
O4 SO4 H . 3.74 -0.09 -2.67
S SO4 I . 30.95 11.96 -0.17
O1 SO4 I . 31.78 12.86 -0.97
O2 SO4 I . 31.50 11.81 1.17
O3 SO4 I . 29.63 12.56 -0.09
O4 SO4 I . 30.92 10.64 -0.81
N1 EPE J . -2.03 -4.70 11.55
C2 EPE J . -1.22 -4.67 12.78
C3 EPE J . -0.11 -5.70 12.73
N4 EPE J . -0.60 -7.03 12.41
C5 EPE J . -1.56 -7.11 11.32
C6 EPE J . -2.64 -6.03 11.38
C7 EPE J . 0.37 -8.12 12.46
C8 EPE J . 1.30 -8.03 13.67
O8 EPE J . 0.58 -8.30 14.84
C9 EPE J . -3.13 -3.71 11.64
C10 EPE J . -2.55 -2.32 11.39
S EPE J . -3.80 -1.04 11.18
O1S EPE J . -4.62 -0.94 12.37
O2S EPE J . -3.16 0.27 10.98
O3S EPE J . -4.55 -1.41 9.99
PA NAD K . -9.48 -1.61 -6.48
O1A NAD K . -8.84 -2.07 -7.78
O2A NAD K . -10.93 -1.19 -6.64
O5B NAD K . -8.57 -0.40 -5.84
C5B NAD K . -7.18 -0.66 -5.72
C4B NAD K . -6.32 0.43 -6.38
O4B NAD K . -6.43 0.20 -7.79
C3B NAD K . -6.81 1.87 -6.15
O3B NAD K . -6.24 2.46 -4.99
C2B NAD K . -6.21 2.57 -7.40
O2B NAD K . -4.82 2.80 -7.17
C1B NAD K . -6.29 1.45 -8.44
N9A NAD K . -7.38 1.68 -9.40
C8A NAD K . -8.70 1.49 -9.19
N7A NAD K . -9.40 1.80 -10.29
C5A NAD K . -8.48 2.20 -11.23
C6A NAD K . -8.62 2.63 -12.57
N6A NAD K . -9.86 2.71 -13.14
N1A NAD K . -7.52 2.97 -13.30
C2A NAD K . -6.34 2.86 -12.66
N3A NAD K . -6.12 2.46 -11.39
C4A NAD K . -7.24 2.12 -10.68
O3 NAD K . -9.40 -2.88 -5.44
PN NAD K . -9.81 -3.00 -3.85
O1N NAD K . -11.26 -2.57 -3.67
O2N NAD K . -9.56 -4.43 -3.41
O5D NAD K . -8.84 -1.91 -3.12
C5D NAD K . -7.61 -2.35 -2.54
MN MN L . -12.91 -4.03 -4.70
MG MG M . -12.89 -4.04 -4.72
MN MN N . -10.75 -6.31 -3.94
S SO4 O . -23.85 -22.13 -20.96
O1 SO4 O . -23.77 -21.50 -22.28
O2 SO4 O . -23.55 -23.57 -21.10
O3 SO4 O . -22.82 -21.54 -20.10
O4 SO4 O . -25.19 -21.85 -20.41
S SO4 P . -20.00 7.88 7.25
O1 SO4 P . -19.40 8.93 6.42
O2 SO4 P . -19.10 7.54 8.35
O3 SO4 P . -21.28 8.36 7.80
O4 SO4 P . -20.27 6.72 6.42
#